data_3DT3
#
_entry.id   3DT3
#
_cell.length_a   103.309
_cell.length_b   57.996
_cell.length_c   88.331
_cell.angle_alpha   90.000
_cell.angle_beta   105.150
_cell.angle_gamma   90.000
#
_symmetry.space_group_name_H-M   'C 1 2 1'
#
loop_
_entity.id
_entity.type
_entity.pdbx_description
1 polymer 'Estrogen receptor'
2 non-polymer 5-(4-hydroxyphenoxy)-6-(3-hydroxyphenyl)-7-methylnaphthalen-2-ol
3 water water
#
_entity_poly.entity_id   1
_entity_poly.type   'polypeptide(L)'
_entity_poly.pdbx_seq_one_letter_code
;GSKRSKKNSLALSLTADQMVSALLDAEPPILYSEYDPTRPFSEASMMGLLTNLADRELVHMINWAKRVPGFVDLTLHDQV
HLLECAWLEILMIGLVWRSMEHPGKLLFAPNLLLDRNQGKCVEGMVEIFDMLLATSSRFRMMNLQGEEFVCLKSIILLNS
GVYTFLSSTLKSLEEKDHIHRVLDKITDTLIHLMAKAGLTLQQQHQRLAQLLLILSHIRHMSNKGMEHLYSMKCKNVVPL
YDLLLEMLDAHRLHA
;
_entity_poly.pdbx_strand_id   A,B
#
loop_
_chem_comp.id
_chem_comp.type
_chem_comp.name
_chem_comp.formula
369 non-polymer 5-(4-hydroxyphenoxy)-6-(3-hydroxyphenyl)-7-methylnaphthalen-2-ol 'C23 H18 O4'
#
# COMPACT_ATOMS: atom_id res chain seq x y z
N LEU A 10 -7.10 25.49 -14.46
CA LEU A 10 -7.72 24.59 -13.45
C LEU A 10 -7.31 23.13 -13.69
N ALA A 11 -6.95 22.46 -12.60
CA ALA A 11 -6.45 21.08 -12.65
C ALA A 11 -7.54 20.06 -13.02
N LEU A 12 -8.79 20.37 -12.70
CA LEU A 12 -9.90 19.45 -12.91
C LEU A 12 -10.53 19.57 -14.30
N SER A 13 -10.07 20.54 -15.09
CA SER A 13 -10.60 20.73 -16.44
C SER A 13 -9.64 20.20 -17.49
N LEU A 14 -8.47 19.71 -17.07
CA LEU A 14 -7.49 19.17 -18.00
C LEU A 14 -8.03 17.92 -18.64
N THR A 15 -7.71 17.71 -19.92
CA THR A 15 -7.99 16.43 -20.55
C THR A 15 -6.90 15.44 -20.16
N ALA A 16 -7.13 14.17 -20.46
CA ALA A 16 -6.15 13.10 -20.23
C ALA A 16 -4.83 13.41 -20.92
N ASP A 17 -4.88 13.86 -22.17
CA ASP A 17 -3.66 14.23 -22.91
C ASP A 17 -2.94 15.43 -22.31
N GLN A 18 -3.70 16.44 -21.90
CA GLN A 18 -3.13 17.62 -21.24
C GLN A 18 -2.53 17.25 -19.88
N MET A 19 -3.08 16.21 -19.24
CA MET A 19 -2.60 15.76 -17.95
C MET A 19 -1.26 15.04 -18.12
N VAL A 20 -1.23 13.99 -18.94
CA VAL A 20 0.02 13.32 -19.29
C VAL A 20 1.09 14.35 -19.62
N SER A 21 0.71 15.28 -20.52
CA SER A 21 1.62 16.31 -21.00
C SER A 21 2.16 17.22 -19.90
N ALA A 22 1.31 17.54 -18.92
CA ALA A 22 1.73 18.37 -17.79
C ALA A 22 2.70 17.62 -16.89
N LEU A 23 2.45 16.33 -16.69
CA LEU A 23 3.31 15.52 -15.82
C LEU A 23 4.69 15.26 -16.44
N LEU A 24 4.72 14.96 -17.73
CA LEU A 24 5.99 14.81 -18.46
C LEU A 24 6.80 16.09 -18.35
N ASP A 25 6.17 17.22 -18.71
CA ASP A 25 6.78 18.54 -18.58
C ASP A 25 7.28 18.85 -17.16
N ALA A 26 6.63 18.25 -16.16
CA ALA A 26 6.98 18.47 -14.78
C ALA A 26 8.18 17.65 -14.33
N GLU A 27 8.60 16.66 -15.12
CA GLU A 27 9.66 15.74 -14.70
C GLU A 27 10.96 16.41 -14.26
N PRO A 28 11.51 15.98 -13.11
CA PRO A 28 12.77 16.52 -12.62
C PRO A 28 13.92 15.99 -13.45
N PRO A 29 15.10 16.60 -13.31
CA PRO A 29 16.24 16.09 -14.06
C PRO A 29 16.89 14.87 -13.38
N ILE A 30 17.70 14.14 -14.13
CA ILE A 30 18.47 13.05 -13.54
C ILE A 30 19.76 13.65 -13.00
N LEU A 31 19.99 13.48 -11.70
CA LEU A 31 21.15 14.06 -11.06
C LEU A 31 22.23 13.01 -10.92
N TYR A 32 23.46 13.49 -10.80
CA TYR A 32 24.62 12.63 -10.68
C TYR A 32 25.08 12.57 -9.24
N SER A 33 25.73 11.48 -8.88
CA SER A 33 26.34 11.35 -7.57
C SER A 33 27.57 12.24 -7.48
N GLU A 34 27.77 12.83 -6.31
CA GLU A 34 29.01 13.56 -6.02
C GLU A 34 30.13 12.54 -5.93
N SER A 42 36.57 5.19 -5.17
CA SER A 42 36.04 3.93 -4.67
C SER A 42 34.84 4.19 -3.77
N GLU A 43 34.40 3.15 -3.06
CA GLU A 43 33.37 3.28 -2.03
C GLU A 43 33.90 4.16 -0.91
N ALA A 44 33.47 5.43 -0.91
CA ALA A 44 33.64 6.32 0.23
C ALA A 44 32.60 5.89 1.26
N SER A 45 32.03 6.84 1.99
CA SER A 45 30.79 6.55 2.68
C SER A 45 29.74 6.45 1.58
N MET A 46 29.37 5.21 1.24
CA MET A 46 28.29 4.97 0.28
C MET A 46 26.97 5.59 0.77
N MET A 47 26.75 5.54 2.09
CA MET A 47 25.60 6.25 2.69
C MET A 47 25.77 7.77 2.58
N GLY A 48 27.00 8.25 2.68
CA GLY A 48 27.31 9.66 2.43
C GLY A 48 26.90 10.08 1.03
N LEU A 49 27.34 9.33 0.04
CA LEU A 49 27.02 9.58 -1.36
C LEU A 49 25.52 9.55 -1.63
N LEU A 50 24.82 8.58 -1.04
CA LEU A 50 23.40 8.41 -1.29
C LEU A 50 22.57 9.47 -0.59
N THR A 51 23.02 9.91 0.59
CA THR A 51 22.32 10.94 1.36
C THR A 51 22.48 12.29 0.68
N ASN A 52 23.69 12.55 0.19
CA ASN A 52 23.95 13.78 -0.54
C ASN A 52 23.12 13.83 -1.82
N LEU A 53 23.05 12.70 -2.51
CA LEU A 53 22.20 12.58 -3.69
C LEU A 53 20.73 12.86 -3.36
N ALA A 54 20.20 12.18 -2.34
CA ALA A 54 18.80 12.36 -1.95
C ALA A 54 18.51 13.82 -1.59
N ASP A 55 19.40 14.44 -0.80
CA ASP A 55 19.24 15.84 -0.38
C ASP A 55 19.13 16.77 -1.57
N ARG A 56 19.98 16.57 -2.58
CA ARG A 56 19.91 17.37 -3.78
C ARG A 56 18.65 17.09 -4.59
N GLU A 57 18.20 15.85 -4.62
CA GLU A 57 16.97 15.50 -5.32
C GLU A 57 15.72 16.13 -4.67
N LEU A 58 15.74 16.25 -3.34
CA LEU A 58 14.60 16.78 -2.62
C LEU A 58 14.18 18.13 -3.17
N VAL A 59 15.18 18.98 -3.41
CA VAL A 59 14.96 20.33 -3.94
C VAL A 59 14.15 20.23 -5.24
N HIS A 60 14.61 19.41 -6.17
CA HIS A 60 13.93 19.21 -7.47
C HIS A 60 12.58 18.51 -7.37
N MET A 61 12.39 17.69 -6.33
CA MET A 61 11.10 17.07 -6.06
C MET A 61 10.08 18.13 -5.66
N ILE A 62 10.52 19.16 -4.94
CA ILE A 62 9.62 20.24 -4.54
C ILE A 62 9.11 20.99 -5.77
N ASN A 63 10.03 21.37 -6.67
CA ASN A 63 9.65 22.03 -7.92
C ASN A 63 8.70 21.17 -8.73
N TRP A 64 8.95 19.87 -8.71
CA TRP A 64 8.14 18.92 -9.46
C TRP A 64 6.72 18.85 -8.89
N ALA A 65 6.61 18.65 -7.57
CA ALA A 65 5.32 18.54 -6.91
C ALA A 65 4.47 19.76 -7.22
N LYS A 66 5.10 20.94 -7.21
CA LYS A 66 4.40 22.18 -7.46
C LYS A 66 3.82 22.24 -8.88
N ARG A 67 4.31 21.38 -9.76
CA ARG A 67 3.77 21.27 -11.11
C ARG A 67 2.80 20.10 -11.32
N VAL A 68 2.59 19.28 -10.30
CA VAL A 68 1.55 18.24 -10.38
C VAL A 68 0.18 18.95 -10.32
N PRO A 69 -0.65 18.76 -11.36
CA PRO A 69 -1.91 19.51 -11.39
C PRO A 69 -2.78 19.28 -10.15
N GLY A 70 -3.13 20.37 -9.47
CA GLY A 70 -3.93 20.30 -8.25
C GLY A 70 -3.13 20.61 -6.98
N PHE A 71 -1.83 20.32 -7.00
CA PHE A 71 -1.01 20.39 -5.81
C PHE A 71 -0.91 21.79 -5.17
N VAL A 72 -0.61 22.81 -5.97
CA VAL A 72 -0.49 24.18 -5.42
C VAL A 72 -1.84 24.79 -5.02
N ASP A 73 -2.95 24.11 -5.34
CA ASP A 73 -4.27 24.54 -4.87
C ASP A 73 -4.44 24.23 -3.38
N LEU A 74 -3.67 23.27 -2.88
CA LEU A 74 -3.72 22.89 -1.47
C LEU A 74 -3.05 23.95 -0.57
N THR A 75 -3.33 23.88 0.72
CA THR A 75 -2.64 24.71 1.71
C THR A 75 -1.16 24.37 1.75
N LEU A 76 -0.34 25.28 2.27
CA LEU A 76 1.07 24.99 2.51
C LEU A 76 1.24 23.81 3.48
N HIS A 77 0.47 23.82 4.57
CA HIS A 77 0.48 22.72 5.56
C HIS A 77 0.30 21.37 4.91
N ASP A 78 -0.76 21.22 4.13
CA ASP A 78 -1.07 19.95 3.51
C ASP A 78 -0.03 19.57 2.47
N GLN A 79 0.50 20.55 1.74
CA GLN A 79 1.59 20.29 0.79
C GLN A 79 2.79 19.65 1.50
N VAL A 80 3.25 20.28 2.58
CA VAL A 80 4.37 19.74 3.37
C VAL A 80 4.08 18.32 3.87
N HIS A 81 2.92 18.15 4.52
CA HIS A 81 2.49 16.83 5.00
C HIS A 81 2.54 15.77 3.90
N LEU A 82 2.11 16.12 2.69
CA LEU A 82 2.08 15.15 1.61
C LEU A 82 3.48 14.74 1.20
N LEU A 83 4.37 15.70 1.08
CA LEU A 83 5.76 15.43 0.72
C LEU A 83 6.53 14.70 1.83
N GLU A 84 6.23 15.03 3.09
CA GLU A 84 6.81 14.35 4.24
C GLU A 84 6.44 12.86 4.28
N CYS A 85 5.22 12.54 3.85
CA CYS A 85 4.76 11.15 3.84
C CYS A 85 5.33 10.38 2.65
N ALA A 86 5.48 11.05 1.51
CA ALA A 86 5.73 10.40 0.23
C ALA A 86 7.17 10.47 -0.29
N TRP A 87 8.01 11.30 0.34
CA TRP A 87 9.31 11.65 -0.27
C TRP A 87 10.13 10.41 -0.61
N LEU A 88 10.13 9.41 0.26
CA LEU A 88 10.94 8.23 0.03
C LEU A 88 10.28 7.32 -1.02
N GLU A 89 8.95 7.23 -1.00
CA GLU A 89 8.24 6.47 -2.03
C GLU A 89 8.54 7.08 -3.40
N ILE A 90 8.57 8.41 -3.46
CA ILE A 90 8.86 9.13 -4.71
C ILE A 90 10.30 8.87 -5.18
N LEU A 91 11.26 8.90 -4.26
CA LEU A 91 12.66 8.61 -4.59
C LEU A 91 12.80 7.16 -5.08
N MET A 92 12.13 6.26 -4.38
CA MET A 92 12.16 4.83 -4.68
C MET A 92 11.56 4.50 -6.05
N ILE A 93 10.42 5.09 -6.39
CA ILE A 93 9.80 4.80 -7.69
C ILE A 93 10.65 5.34 -8.84
N GLY A 94 11.32 6.48 -8.61
CA GLY A 94 12.30 6.98 -9.56
C GLY A 94 13.48 6.01 -9.71
N LEU A 95 14.01 5.55 -8.59
CA LEU A 95 15.10 4.57 -8.61
C LEU A 95 14.70 3.32 -9.38
N VAL A 96 13.53 2.78 -9.05
CA VAL A 96 13.03 1.56 -9.68
C VAL A 96 12.88 1.76 -11.18
N TRP A 97 12.35 2.92 -11.57
CA TRP A 97 12.17 3.27 -12.98
C TRP A 97 13.50 3.37 -13.72
N ARG A 98 14.46 4.10 -13.17
CA ARG A 98 15.80 4.22 -13.77
C ARG A 98 16.51 2.85 -13.90
N SER A 99 16.27 1.96 -12.94
CA SER A 99 16.96 0.68 -12.86
C SER A 99 16.31 -0.39 -13.73
N MET A 100 15.15 -0.05 -14.30
CA MET A 100 14.35 -1.00 -15.06
C MET A 100 15.13 -1.77 -16.13
N GLU A 101 15.96 -1.08 -16.91
CA GLU A 101 16.68 -1.75 -17.99
C GLU A 101 18.06 -2.25 -17.53
N HIS A 102 18.28 -2.36 -16.21
CA HIS A 102 19.56 -2.83 -15.67
C HIS A 102 19.35 -3.95 -14.64
N PRO A 103 19.02 -5.16 -15.10
CA PRO A 103 18.66 -6.26 -14.19
C PRO A 103 19.74 -6.54 -13.15
N GLY A 104 19.33 -6.77 -11.90
CA GLY A 104 20.25 -7.03 -10.81
C GLY A 104 21.03 -5.83 -10.30
N LYS A 105 20.68 -4.64 -10.78
CA LYS A 105 21.36 -3.42 -10.38
C LYS A 105 20.38 -2.30 -10.07
N LEU A 106 20.78 -1.38 -9.19
CA LEU A 106 19.99 -0.20 -8.90
C LEU A 106 20.76 1.03 -9.36
N LEU A 107 20.20 1.74 -10.34
CA LEU A 107 20.81 2.95 -10.85
C LEU A 107 20.40 4.13 -9.99
N PHE A 108 21.16 4.38 -8.93
CA PHE A 108 20.90 5.52 -8.06
C PHE A 108 21.19 6.82 -8.81
N ALA A 109 22.30 6.82 -9.53
CA ALA A 109 22.63 7.87 -10.48
C ALA A 109 23.38 7.22 -11.64
N PRO A 110 23.50 7.93 -12.78
CA PRO A 110 24.25 7.36 -13.90
C PRO A 110 25.68 6.96 -13.53
N ASN A 111 26.24 7.62 -12.51
CA ASN A 111 27.58 7.29 -11.99
C ASN A 111 27.54 6.60 -10.64
N LEU A 112 26.42 5.96 -10.32
CA LEU A 112 26.28 5.22 -9.07
C LEU A 112 25.28 4.10 -9.31
N LEU A 113 25.80 3.02 -9.88
CA LEU A 113 25.02 1.85 -10.22
C LEU A 113 25.53 0.73 -9.33
N LEU A 114 24.69 0.27 -8.42
CA LEU A 114 25.09 -0.72 -7.40
C LEU A 114 24.39 -2.05 -7.62
N ASP A 115 25.04 -3.14 -7.25
CA ASP A 115 24.41 -4.46 -7.27
C ASP A 115 24.16 -4.92 -5.84
N ARG A 116 23.50 -6.07 -5.70
CA ARG A 116 23.11 -6.60 -4.40
C ARG A 116 24.27 -6.66 -3.40
N ASN A 117 25.39 -7.27 -3.78
CA ASN A 117 26.49 -7.46 -2.82
C ASN A 117 27.23 -6.17 -2.43
N GLN A 118 27.04 -5.09 -3.20
CA GLN A 118 27.46 -3.77 -2.75
C GLN A 118 26.52 -3.26 -1.65
N GLY A 119 25.26 -3.69 -1.68
CA GLY A 119 24.32 -3.41 -0.61
C GLY A 119 24.72 -3.98 0.73
N LYS A 120 25.31 -5.18 0.73
CA LYS A 120 25.73 -5.85 1.97
C LYS A 120 26.82 -5.10 2.76
N CYS A 121 27.01 -3.83 2.46
CA CYS A 121 27.98 -2.98 3.15
C CYS A 121 27.34 -2.27 4.33
N VAL A 122 26.17 -1.68 4.10
CA VAL A 122 25.37 -1.09 5.18
C VAL A 122 24.41 -2.15 5.69
N GLU A 123 24.45 -2.43 7.00
CA GLU A 123 23.60 -3.46 7.59
C GLU A 123 22.11 -3.10 7.43
N GLY A 124 21.34 -4.05 6.92
CA GLY A 124 19.90 -3.86 6.69
C GLY A 124 19.55 -3.41 5.29
N MET A 125 20.55 -2.90 4.56
CA MET A 125 20.33 -2.36 3.22
C MET A 125 19.97 -3.46 2.22
N VAL A 126 20.44 -4.69 2.47
CA VAL A 126 20.27 -5.79 1.53
C VAL A 126 18.80 -6.15 1.36
N GLU A 127 18.06 -6.18 2.46
CA GLU A 127 16.63 -6.53 2.40
C GLU A 127 15.85 -5.54 1.54
N ILE A 128 16.16 -4.26 1.69
CA ILE A 128 15.49 -3.21 0.92
C ILE A 128 15.93 -3.29 -0.55
N PHE A 129 17.22 -3.53 -0.77
CA PHE A 129 17.78 -3.71 -2.10
C PHE A 129 17.04 -4.78 -2.91
N ASP A 130 16.83 -5.95 -2.31
CA ASP A 130 16.19 -7.07 -2.98
C ASP A 130 14.77 -6.73 -3.38
N MET A 131 14.07 -6.03 -2.49
CA MET A 131 12.71 -5.58 -2.75
C MET A 131 12.67 -4.59 -3.91
N LEU A 132 13.65 -3.70 -3.96
CA LEU A 132 13.69 -2.68 -5.02
C LEU A 132 13.96 -3.33 -6.39
N LEU A 133 14.93 -4.25 -6.44
CA LEU A 133 15.21 -5.01 -7.65
C LEU A 133 13.98 -5.75 -8.16
N ALA A 134 13.23 -6.37 -7.25
CA ALA A 134 12.04 -7.14 -7.62
C ALA A 134 10.98 -6.25 -8.23
N THR A 135 10.79 -5.06 -7.66
CA THR A 135 9.85 -4.08 -8.24
C THR A 135 10.32 -3.67 -9.63
N SER A 136 11.62 -3.43 -9.75
CA SER A 136 12.21 -3.04 -11.03
C SER A 136 12.04 -4.13 -12.10
N SER A 137 12.22 -5.40 -11.70
CA SER A 137 11.93 -6.54 -12.56
C SER A 137 10.46 -6.62 -12.96
N ARG A 138 9.58 -6.22 -12.05
CA ARG A 138 8.13 -6.27 -12.30
C ARG A 138 7.76 -5.23 -13.34
N PHE A 139 8.18 -3.99 -13.11
CA PHE A 139 8.04 -2.92 -14.11
C PHE A 139 8.56 -3.37 -15.48
N ARG A 140 9.68 -4.08 -15.48
CA ARG A 140 10.31 -4.54 -16.73
C ARG A 140 9.47 -5.63 -17.41
N MET A 141 8.98 -6.59 -16.62
CA MET A 141 8.07 -7.62 -17.13
C MET A 141 6.82 -6.98 -17.74
N MET A 142 6.25 -6.00 -17.05
CA MET A 142 5.05 -5.33 -17.54
C MET A 142 5.32 -4.37 -18.68
N ASN A 143 6.60 -4.14 -19.00
CA ASN A 143 6.98 -3.06 -19.87
C ASN A 143 6.23 -1.77 -19.51
N LEU A 144 6.43 -1.31 -18.27
CA LEU A 144 5.91 -0.01 -17.84
C LEU A 144 6.41 1.11 -18.75
N GLN A 145 5.50 1.98 -19.16
CA GLN A 145 5.84 3.11 -20.02
C GLN A 145 6.03 4.37 -19.19
N GLY A 146 6.83 5.30 -19.73
CA GLY A 146 7.10 6.56 -19.07
C GLY A 146 5.85 7.34 -18.70
N GLU A 147 4.86 7.32 -19.58
CA GLU A 147 3.61 8.05 -19.36
C GLU A 147 2.84 7.48 -18.18
N GLU A 148 2.93 6.16 -18.02
CA GLU A 148 2.30 5.48 -16.89
C GLU A 148 3.06 5.76 -15.61
N PHE A 149 4.39 5.69 -15.70
CA PHE A 149 5.27 5.97 -14.56
C PHE A 149 4.96 7.32 -13.90
N VAL A 150 4.91 8.38 -14.69
CA VAL A 150 4.64 9.73 -14.14
C VAL A 150 3.27 9.81 -13.48
N CYS A 151 2.28 9.13 -14.04
CA CYS A 151 0.98 8.99 -13.37
C CYS A 151 1.09 8.33 -11.99
N LEU A 152 1.84 7.23 -11.90
CA LEU A 152 1.95 6.51 -10.63
C LEU A 152 2.64 7.37 -9.58
N LYS A 153 3.69 8.06 -10.00
CA LYS A 153 4.45 8.92 -9.12
C LYS A 153 3.54 10.00 -8.54
N SER A 154 2.70 10.60 -9.39
CA SER A 154 1.77 11.63 -8.96
C SER A 154 0.71 11.09 -8.00
N ILE A 155 0.22 9.87 -8.26
CA ILE A 155 -0.67 9.20 -7.32
C ILE A 155 0.00 9.04 -5.94
N ILE A 156 1.26 8.64 -5.92
CA ILE A 156 2.00 8.49 -4.67
C ILE A 156 2.01 9.79 -3.88
N LEU A 157 2.36 10.89 -4.56
CA LEU A 157 2.35 12.20 -3.94
C LEU A 157 1.01 12.52 -3.31
N LEU A 158 -0.07 12.28 -4.04
CA LEU A 158 -1.41 12.70 -3.59
C LEU A 158 -2.06 11.73 -2.60
N ASN A 159 -1.71 10.45 -2.72
CA ASN A 159 -2.40 9.41 -1.94
C ASN A 159 -1.79 9.11 -0.58
N SER A 160 -0.50 9.38 -0.39
CA SER A 160 0.18 8.71 0.71
C SER A 160 -0.04 9.38 2.05
N GLY A 161 -0.40 10.65 2.03
CA GLY A 161 -0.70 11.40 3.24
C GLY A 161 -2.18 11.51 3.54
N VAL A 162 -3.02 11.43 2.50
CA VAL A 162 -4.46 11.74 2.64
C VAL A 162 -5.18 11.14 3.85
N TYR A 163 -4.85 9.89 4.18
CA TYR A 163 -5.55 9.19 5.28
C TYR A 163 -5.07 9.65 6.66
N THR A 164 -3.86 10.20 6.75
CA THR A 164 -3.30 10.64 8.04
C THR A 164 -3.22 12.17 8.19
N PHE A 165 -4.27 12.86 7.74
CA PHE A 165 -4.43 14.27 8.09
C PHE A 165 -4.97 14.33 9.52
N SER A 167 -6.14 16.31 11.02
CA SER A 167 -7.30 17.14 11.31
C SER A 167 -8.46 16.82 10.38
N SER A 168 -9.67 17.21 10.81
CA SER A 168 -10.87 17.16 9.98
C SER A 168 -11.68 18.46 10.12
N THR A 169 -11.00 19.57 9.87
CA THR A 169 -11.65 20.87 9.75
C THR A 169 -12.32 20.97 8.38
N LEU A 170 -13.31 21.83 8.25
CA LEU A 170 -14.01 22.03 6.98
C LEU A 170 -13.03 22.34 5.86
N LYS A 171 -12.01 23.13 6.20
CA LYS A 171 -10.91 23.39 5.27
C LYS A 171 -10.28 22.06 4.89
N SER A 172 -9.92 21.28 5.91
CA SER A 172 -9.27 19.98 5.69
C SER A 172 -10.14 19.01 4.90
N LEU A 173 -11.46 19.05 5.14
CA LEU A 173 -12.41 18.24 4.38
C LEU A 173 -12.43 18.64 2.90
N GLU A 174 -12.46 19.95 2.64
CA GLU A 174 -12.44 20.48 1.28
C GLU A 174 -11.16 20.06 0.55
N GLU A 175 -10.05 20.11 1.27
CA GLU A 175 -8.75 19.67 0.75
C GLU A 175 -8.78 18.20 0.32
N LYS A 176 -9.37 17.35 1.16
CA LYS A 176 -9.43 15.91 0.88
C LYS A 176 -10.31 15.59 -0.34
N ASP A 177 -11.40 16.32 -0.49
CA ASP A 177 -12.28 16.19 -1.65
C ASP A 177 -11.55 16.54 -2.95
N HIS A 178 -10.78 17.60 -2.94
CA HIS A 178 -9.99 18.03 -4.10
C HIS A 178 -8.96 16.98 -4.51
N ILE A 179 -8.25 16.46 -3.52
CA ILE A 179 -7.26 15.41 -3.77
C ILE A 179 -7.89 14.19 -4.44
N HIS A 180 -9.09 13.83 -4.02
CA HIS A 180 -9.76 12.66 -4.60
C HIS A 180 -10.25 12.90 -6.02
N ARG A 181 -10.59 14.16 -6.33
CA ARG A 181 -10.96 14.52 -7.69
C ARG A 181 -9.76 14.44 -8.64
N VAL A 182 -8.60 14.95 -8.19
CA VAL A 182 -7.39 14.90 -9.00
C VAL A 182 -6.94 13.43 -9.21
N LEU A 183 -6.97 12.62 -8.15
CA LEU A 183 -6.67 11.19 -8.26
C LEU A 183 -7.61 10.49 -9.23
N ASP A 184 -8.90 10.82 -9.19
CA ASP A 184 -9.83 10.30 -10.21
C ASP A 184 -9.41 10.71 -11.63
N LYS A 185 -8.91 11.95 -11.80
CA LYS A 185 -8.44 12.40 -13.12
C LYS A 185 -7.20 11.61 -13.57
N ILE A 186 -6.32 11.29 -12.64
CA ILE A 186 -5.12 10.53 -13.01
C ILE A 186 -5.50 9.11 -13.41
N THR A 187 -6.41 8.49 -12.64
CA THR A 187 -6.98 7.21 -13.05
C THR A 187 -7.53 7.30 -14.47
N ASP A 188 -8.41 8.28 -14.72
CA ASP A 188 -8.89 8.55 -16.08
C ASP A 188 -7.74 8.54 -17.08
N THR A 189 -6.68 9.25 -16.73
CA THR A 189 -5.52 9.40 -17.61
C THR A 189 -4.81 8.08 -17.84
N LEU A 190 -4.61 7.31 -16.77
CA LEU A 190 -4.01 5.97 -16.88
C LEU A 190 -4.82 5.11 -17.84
N ILE A 191 -6.13 5.08 -17.64
CA ILE A 191 -7.03 4.31 -18.52
C ILE A 191 -6.94 4.79 -19.97
N HIS A 192 -6.93 6.10 -20.16
CA HIS A 192 -6.83 6.67 -21.49
C HIS A 192 -5.54 6.24 -22.19
N LEU A 193 -4.43 6.20 -21.45
CA LEU A 193 -3.15 5.77 -22.01
C LEU A 193 -3.25 4.35 -22.53
N MET A 194 -3.73 3.45 -21.69
CA MET A 194 -3.87 2.03 -22.04
C MET A 194 -4.80 1.83 -23.25
N ALA A 195 -5.91 2.56 -23.29
CA ALA A 195 -6.81 2.56 -24.46
C ALA A 195 -6.07 3.07 -25.68
N LYS A 196 -5.37 4.18 -25.51
CA LYS A 196 -4.56 4.74 -26.60
C LYS A 196 -3.46 3.75 -27.05
N ALA A 197 -3.04 2.86 -26.16
CA ALA A 197 -2.06 1.80 -26.51
C ALA A 197 -2.69 0.52 -27.08
N GLY A 198 -4.00 0.47 -27.22
CA GLY A 198 -4.68 -0.65 -27.87
C GLY A 198 -5.01 -1.87 -27.01
N LEU A 199 -5.01 -1.71 -25.68
CA LEU A 199 -5.48 -2.78 -24.80
C LEU A 199 -7.01 -2.83 -24.82
N THR A 200 -7.58 -4.00 -24.54
CA THR A 200 -9.03 -4.12 -24.36
C THR A 200 -9.43 -3.47 -23.04
N LEU A 201 -10.72 -3.28 -22.82
CA LEU A 201 -11.20 -2.73 -21.56
C LEU A 201 -10.81 -3.62 -20.39
N GLN A 202 -10.99 -4.93 -20.56
CA GLN A 202 -10.58 -5.89 -19.55
C GLN A 202 -9.09 -5.75 -19.22
N GLN A 203 -8.27 -5.72 -20.27
CA GLN A 203 -6.83 -5.53 -20.14
C GLN A 203 -6.51 -4.22 -19.43
N GLN A 204 -7.24 -3.17 -19.77
CA GLN A 204 -7.04 -1.87 -19.16
C GLN A 204 -7.27 -1.97 -17.65
N HIS A 205 -8.45 -2.47 -17.27
CA HIS A 205 -8.79 -2.67 -15.86
C HIS A 205 -7.77 -3.56 -15.14
N GLN A 206 -7.34 -4.62 -15.82
CA GLN A 206 -6.34 -5.52 -15.24
C GLN A 206 -4.99 -4.82 -15.03
N ARG A 207 -4.55 -4.07 -16.05
CA ARG A 207 -3.27 -3.39 -15.96
C ARG A 207 -3.31 -2.28 -14.91
N LEU A 208 -4.41 -1.54 -14.88
CA LEU A 208 -4.61 -0.50 -13.87
C LEU A 208 -4.44 -1.12 -12.48
N ALA A 209 -5.13 -2.23 -12.24
CA ALA A 209 -5.04 -2.94 -10.96
C ALA A 209 -3.61 -3.38 -10.67
N GLN A 210 -2.94 -3.99 -11.66
CA GLN A 210 -1.58 -4.48 -11.50
C GLN A 210 -0.65 -3.38 -11.04
N LEU A 211 -0.75 -2.21 -11.67
CA LEU A 211 0.16 -1.08 -11.38
C LEU A 211 -0.12 -0.42 -10.02
N LEU A 212 -1.39 -0.32 -9.66
CA LEU A 212 -1.76 0.26 -8.36
C LEU A 212 -1.39 -0.65 -7.19
N LEU A 213 -1.45 -1.97 -7.39
CA LEU A 213 -1.01 -2.90 -6.34
C LEU A 213 0.48 -2.75 -6.03
N ILE A 214 1.26 -2.39 -7.04
CA ILE A 214 2.69 -2.17 -6.87
C ILE A 214 2.93 -0.99 -5.95
N LEU A 215 2.01 -0.01 -5.98
CA LEU A 215 2.06 1.08 -5.01
C LEU A 215 2.05 0.59 -3.58
N SER A 216 1.28 -0.45 -3.28
CA SER A 216 1.33 -1.06 -1.94
C SER A 216 2.75 -1.54 -1.56
N HIS A 217 3.47 -2.14 -2.51
CA HIS A 217 4.82 -2.60 -2.21
C HIS A 217 5.82 -1.44 -2.09
N ILE A 218 5.60 -0.38 -2.83
CA ILE A 218 6.44 0.80 -2.68
C ILE A 218 6.24 1.41 -1.28
N ARG A 219 4.99 1.44 -0.81
CA ARG A 219 4.70 1.93 0.53
C ARG A 219 5.44 1.12 1.58
N HIS A 220 5.36 -0.20 1.41
CA HIS A 220 6.02 -1.17 2.27
C HIS A 220 7.54 -0.92 2.35
N MET A 221 8.17 -0.74 1.20
CA MET A 221 9.62 -0.50 1.14
C MET A 221 10.00 0.82 1.82
N SER A 222 9.18 1.84 1.60
CA SER A 222 9.39 3.14 2.21
C SER A 222 9.35 3.06 3.72
N ASN A 223 8.37 2.32 4.25
CA ASN A 223 8.27 2.09 5.68
C ASN A 223 9.51 1.38 6.24
N LYS A 224 9.98 0.32 5.54
CA LYS A 224 11.21 -0.36 5.97
C LYS A 224 12.41 0.58 5.81
N GLY A 225 12.42 1.36 4.73
CA GLY A 225 13.43 2.38 4.52
C GLY A 225 13.52 3.39 5.66
N MET A 226 12.38 3.91 6.09
CA MET A 226 12.34 4.85 7.22
C MET A 226 12.90 4.22 8.49
N GLU A 227 12.49 2.98 8.78
CA GLU A 227 13.01 2.24 9.94
C GLU A 227 14.53 2.16 9.87
N HIS A 228 15.03 1.77 8.70
CA HIS A 228 16.48 1.64 8.46
C HIS A 228 17.20 2.98 8.65
N LEU A 229 16.66 4.03 8.05
CA LEU A 229 17.29 5.37 8.12
C LEU A 229 17.22 5.96 9.53
N TYR A 230 16.10 5.78 10.23
CA TYR A 230 15.96 6.28 11.62
C TYR A 230 16.63 5.37 12.66
N SER A 231 17.23 4.26 12.23
CA SER A 231 18.04 3.42 13.13
C SER A 231 19.46 3.98 13.26
N MET A 232 19.84 4.79 12.28
CA MET A 232 21.16 5.44 12.25
C MET A 232 21.02 6.83 12.88
N LYS A 233 21.46 6.94 14.14
CA LYS A 233 21.33 8.19 14.91
C LYS A 233 22.43 9.19 14.55
N ASN A 236 20.02 15.85 11.31
CA ASN A 236 20.42 16.24 12.66
C ASN A 236 19.36 17.17 13.29
N VAL A 237 19.76 18.30 13.88
CA VAL A 237 18.80 19.27 14.43
C VAL A 237 18.13 20.10 13.30
N VAL A 238 17.82 19.44 12.19
CA VAL A 238 17.12 20.05 11.06
C VAL A 238 16.07 19.05 10.55
N PRO A 239 14.91 18.97 11.25
CA PRO A 239 13.86 18.00 10.87
C PRO A 239 13.33 18.22 9.45
N LEU A 240 13.01 17.12 8.77
CA LEU A 240 12.60 17.15 7.36
C LEU A 240 11.37 18.03 7.12
N TYR A 241 10.45 18.01 8.08
CA TYR A 241 9.25 18.85 8.04
C TYR A 241 9.66 20.31 7.88
N ASP A 242 10.47 20.79 8.81
CA ASP A 242 11.00 22.15 8.75
C ASP A 242 11.69 22.38 7.41
N LEU A 243 12.54 21.44 7.01
CA LEU A 243 13.25 21.54 5.74
C LEU A 243 12.29 21.81 4.56
N LEU A 244 11.28 20.96 4.40
CA LEU A 244 10.30 21.05 3.30
C LEU A 244 9.51 22.36 3.31
N LEU A 245 9.09 22.77 4.50
CA LEU A 245 8.32 24.00 4.69
C LEU A 245 9.10 25.18 4.15
N GLU A 246 10.35 25.28 4.60
CA GLU A 246 11.27 26.33 4.17
C GLU A 246 11.39 26.39 2.64
N MET A 247 11.41 25.21 2.02
CA MET A 247 11.54 25.10 0.57
C MET A 247 10.23 25.39 -0.18
N LEU A 248 9.11 24.93 0.36
CA LEU A 248 7.79 25.18 -0.24
C LEU A 248 7.30 26.60 -0.05
N ASP A 249 7.68 27.22 1.07
CA ASP A 249 7.17 28.54 1.45
C ASP A 249 8.00 29.62 0.76
N ALA A 250 7.88 29.69 -0.55
CA ALA A 250 8.62 30.66 -1.35
C ALA A 250 7.92 32.01 -1.32
N HIS A 251 8.71 33.09 -1.38
CA HIS A 251 8.16 34.42 -1.53
C HIS A 251 7.89 34.71 -3.01
N ARG A 252 7.34 35.89 -3.31
CA ARG A 252 7.01 36.26 -4.68
C ARG A 252 7.88 37.41 -5.19
N LEU A 253 9.09 37.53 -4.64
CA LEU A 253 9.97 38.66 -4.96
C LEU A 253 10.72 38.47 -6.27
N HIS A 254 11.08 37.23 -6.58
CA HIS A 254 11.75 36.91 -7.83
C HIS A 254 10.73 36.51 -8.89
N ALA A 255 10.13 37.51 -9.52
CA ALA A 255 9.17 37.28 -10.60
C ALA A 255 9.93 36.99 -11.89
N LEU B 10 -9.45 -25.81 -12.49
CA LEU B 10 -8.46 -24.75 -12.17
C LEU B 10 -9.21 -23.43 -11.99
N ALA B 11 -8.81 -22.65 -10.99
CA ALA B 11 -9.49 -21.40 -10.62
C ALA B 11 -9.63 -20.37 -11.75
N LEU B 12 -8.78 -20.49 -12.78
CA LEU B 12 -8.81 -19.60 -13.95
C LEU B 12 -10.12 -19.67 -14.75
N SER B 13 -10.98 -20.65 -14.46
CA SER B 13 -12.19 -20.88 -15.25
C SER B 13 -13.50 -20.49 -14.54
N LEU B 14 -13.39 -19.90 -13.36
CA LEU B 14 -14.57 -19.41 -12.63
C LEU B 14 -15.11 -18.13 -13.26
N THR B 15 -16.43 -17.97 -13.25
CA THR B 15 -17.06 -16.70 -13.63
C THR B 15 -17.00 -15.71 -12.46
N ALA B 16 -17.40 -14.47 -12.71
CA ALA B 16 -17.40 -13.43 -11.67
C ALA B 16 -18.31 -13.79 -10.51
N ASP B 17 -19.53 -14.24 -10.84
CA ASP B 17 -20.50 -14.67 -9.83
C ASP B 17 -20.07 -15.94 -9.09
N GLN B 18 -19.44 -16.87 -9.81
CA GLN B 18 -18.86 -18.05 -9.17
C GLN B 18 -17.70 -17.65 -8.24
N MET B 19 -16.86 -16.73 -8.69
CA MET B 19 -15.79 -16.19 -7.84
C MET B 19 -16.38 -15.48 -6.63
N VAL B 20 -17.30 -14.55 -6.89
CA VAL B 20 -17.99 -13.80 -5.82
C VAL B 20 -18.62 -14.76 -4.82
N SER B 21 -19.34 -15.75 -5.32
CA SER B 21 -20.07 -16.68 -4.48
C SER B 21 -19.13 -17.56 -3.64
N ALA B 22 -18.00 -17.97 -4.22
CA ALA B 22 -17.03 -18.83 -3.53
C ALA B 22 -16.35 -18.10 -2.37
N LEU B 23 -16.07 -16.82 -2.56
CA LEU B 23 -15.45 -16.01 -1.52
C LEU B 23 -16.43 -15.75 -0.39
N LEU B 24 -17.70 -15.49 -0.74
CA LEU B 24 -18.74 -15.34 0.26
C LEU B 24 -18.87 -16.61 1.10
N ASP B 25 -18.91 -17.76 0.42
CA ASP B 25 -18.93 -19.08 1.08
C ASP B 25 -17.74 -19.28 2.00
N ALA B 26 -16.59 -18.74 1.60
CA ALA B 26 -15.34 -18.90 2.35
C ALA B 26 -15.24 -18.06 3.63
N GLU B 27 -16.18 -17.13 3.85
CA GLU B 27 -16.04 -16.17 4.95
C GLU B 27 -15.89 -16.81 6.32
N PRO B 28 -14.93 -16.36 7.12
CA PRO B 28 -14.76 -16.89 8.46
C PRO B 28 -15.83 -16.36 9.39
N PRO B 29 -16.06 -17.04 10.53
CA PRO B 29 -17.04 -16.55 11.48
C PRO B 29 -16.52 -15.36 12.29
N ILE B 30 -17.42 -14.65 12.95
CA ILE B 30 -17.05 -13.54 13.81
C ILE B 30 -16.85 -14.11 15.20
N LEU B 31 -15.61 -14.09 15.68
CA LEU B 31 -15.28 -14.63 16.99
C LEU B 31 -15.55 -13.59 18.05
N TYR B 32 -15.62 -14.04 19.29
CA TYR B 32 -15.81 -13.15 20.44
C TYR B 32 -14.53 -13.08 21.24
N SER B 33 -14.39 -12.00 22.01
CA SER B 33 -13.30 -11.87 22.98
C SER B 33 -13.54 -12.86 24.12
N GLU B 34 -12.49 -13.56 24.55
CA GLU B 34 -12.58 -14.43 25.73
C GLU B 34 -12.70 -13.53 26.95
N TYR B 35 -13.91 -13.50 27.52
CA TYR B 35 -14.25 -12.53 28.55
C TYR B 35 -14.89 -13.17 29.74
N ASP B 36 -14.36 -12.88 30.93
CA ASP B 36 -15.10 -13.07 32.17
C ASP B 36 -15.95 -11.81 32.34
N PRO B 37 -17.21 -11.84 31.85
CA PRO B 37 -17.97 -10.59 31.82
C PRO B 37 -18.53 -10.19 33.18
N THR B 38 -18.45 -11.10 34.17
CA THR B 38 -18.75 -10.75 35.56
C THR B 38 -17.55 -10.07 36.23
N ARG B 39 -16.36 -10.23 35.64
CA ARG B 39 -15.13 -9.65 36.18
C ARG B 39 -14.97 -8.19 35.75
N PRO B 40 -14.33 -7.36 36.61
CA PRO B 40 -14.03 -5.97 36.24
C PRO B 40 -13.07 -5.84 35.05
N PHE B 41 -13.21 -4.74 34.31
CA PHE B 41 -12.36 -4.46 33.14
C PHE B 41 -10.95 -4.02 33.55
N SER B 42 -10.83 -3.50 34.78
CA SER B 42 -9.55 -3.12 35.37
C SER B 42 -8.50 -4.23 35.23
N GLU B 43 -8.75 -5.37 35.87
CA GLU B 43 -7.80 -6.48 35.89
C GLU B 43 -7.78 -7.27 34.56
N ALA B 44 -7.73 -6.56 33.44
CA ALA B 44 -7.81 -7.19 32.12
C ALA B 44 -7.12 -6.32 31.06
N SER B 45 -5.89 -6.69 30.71
CA SER B 45 -5.12 -5.95 29.72
C SER B 45 -5.68 -6.16 28.32
N MET B 46 -5.91 -5.06 27.62
CA MET B 46 -6.45 -5.14 26.26
C MET B 46 -5.57 -5.99 25.36
N MET B 47 -4.27 -5.76 25.41
CA MET B 47 -3.34 -6.44 24.49
C MET B 47 -3.46 -7.96 24.61
N GLY B 48 -3.67 -8.46 25.83
CA GLY B 48 -3.92 -9.87 26.07
C GLY B 48 -5.15 -10.36 25.36
N LEU B 49 -6.24 -9.61 25.52
CA LEU B 49 -7.51 -9.95 24.88
C LEU B 49 -7.38 -9.96 23.35
N LEU B 50 -6.74 -8.92 22.80
CA LEU B 50 -6.56 -8.79 21.36
C LEU B 50 -5.61 -9.86 20.82
N THR B 51 -4.61 -10.25 21.61
CA THR B 51 -3.68 -11.32 21.25
C THR B 51 -4.41 -12.65 21.14
N ASN B 52 -5.15 -13.01 22.20
CA ASN B 52 -5.94 -14.23 22.23
C ASN B 52 -6.99 -14.27 21.12
N LEU B 53 -7.65 -13.14 20.89
CA LEU B 53 -8.60 -13.03 19.77
C LEU B 53 -7.90 -13.29 18.43
N ALA B 54 -6.78 -12.62 18.22
CA ALA B 54 -6.01 -12.72 16.98
C ALA B 54 -5.56 -14.15 16.70
N ASP B 55 -5.09 -14.84 17.74
CA ASP B 55 -4.61 -16.22 17.61
C ASP B 55 -5.71 -17.17 17.17
N ARG B 56 -6.90 -17.01 17.75
CA ARG B 56 -8.05 -17.83 17.40
C ARG B 56 -8.54 -17.50 16.00
N GLU B 57 -8.46 -16.23 15.60
CA GLU B 57 -8.81 -15.85 14.22
C GLU B 57 -7.82 -16.42 13.22
N LEU B 58 -6.54 -16.47 13.57
CA LEU B 58 -5.54 -16.99 12.65
C LEU B 58 -5.93 -18.38 12.12
N VAL B 59 -6.44 -19.25 13.00
CA VAL B 59 -6.85 -20.60 12.61
C VAL B 59 -7.90 -20.53 11.51
N HIS B 60 -8.89 -19.66 11.71
CA HIS B 60 -10.00 -19.52 10.77
C HIS B 60 -9.55 -18.87 9.48
N MET B 61 -8.58 -17.95 9.59
CA MET B 61 -8.00 -17.32 8.42
C MET B 61 -7.37 -18.38 7.52
N ILE B 62 -6.65 -19.33 8.11
CA ILE B 62 -6.04 -20.41 7.34
C ILE B 62 -7.13 -21.15 6.55
N ASN B 63 -8.23 -21.50 7.23
CA ASN B 63 -9.37 -22.17 6.56
C ASN B 63 -9.94 -21.36 5.42
N TRP B 64 -10.05 -20.05 5.62
CA TRP B 64 -10.53 -19.13 4.58
C TRP B 64 -9.56 -19.12 3.39
N ALA B 65 -8.27 -18.92 3.67
CA ALA B 65 -7.24 -18.84 2.62
C ALA B 65 -7.26 -20.05 1.69
N LYS B 66 -7.41 -21.24 2.27
CA LYS B 66 -7.47 -22.47 1.50
C LYS B 66 -8.68 -22.57 0.58
N ARG B 67 -9.70 -21.74 0.81
CA ARG B 67 -10.89 -21.68 -0.04
C ARG B 67 -10.91 -20.49 -1.00
N VAL B 68 -9.91 -19.60 -0.90
CA VAL B 68 -9.70 -18.57 -1.91
C VAL B 68 -9.25 -19.25 -3.20
N PRO B 69 -10.03 -19.13 -4.28
CA PRO B 69 -9.67 -19.85 -5.51
C PRO B 69 -8.25 -19.55 -5.99
N GLY B 70 -7.49 -20.61 -6.26
CA GLY B 70 -6.11 -20.48 -6.72
C GLY B 70 -5.07 -20.66 -5.63
N PHE B 71 -5.47 -20.50 -4.37
CA PHE B 71 -4.55 -20.57 -3.25
C PHE B 71 -3.90 -21.94 -3.08
N VAL B 72 -4.69 -23.01 -3.15
CA VAL B 72 -4.17 -24.36 -2.91
C VAL B 72 -3.40 -24.93 -4.11
N ASP B 73 -3.46 -24.26 -5.26
CA ASP B 73 -2.65 -24.62 -6.42
C ASP B 73 -1.18 -24.26 -6.18
N LEU B 74 -0.92 -23.38 -5.22
CA LEU B 74 0.44 -23.00 -4.87
C LEU B 74 1.10 -24.08 -4.01
N THR B 75 2.43 -24.07 -3.95
CA THR B 75 3.15 -24.94 -3.02
C THR B 75 2.85 -24.52 -1.58
N LEU B 76 3.08 -25.44 -0.67
CA LEU B 76 2.91 -25.19 0.76
C LEU B 76 3.81 -24.06 1.23
N HIS B 77 5.03 -24.05 0.70
CA HIS B 77 6.00 -22.98 0.96
C HIS B 77 5.46 -21.61 0.57
N ASP B 78 4.80 -21.53 -0.58
CA ASP B 78 4.26 -20.26 -1.08
C ASP B 78 2.97 -19.87 -0.37
N GLN B 79 2.17 -20.87 0.01
CA GLN B 79 0.97 -20.59 0.80
C GLN B 79 1.37 -19.97 2.14
N VAL B 80 2.30 -20.61 2.83
CA VAL B 80 2.75 -20.10 4.13
C VAL B 80 3.34 -18.69 4.03
N HIS B 81 4.14 -18.42 3.00
CA HIS B 81 4.74 -17.10 2.79
C HIS B 81 3.70 -16.01 2.58
N LEU B 82 2.69 -16.28 1.75
CA LEU B 82 1.63 -15.30 1.51
C LEU B 82 0.86 -14.97 2.79
N LEU B 83 0.57 -15.98 3.61
CA LEU B 83 -0.08 -15.76 4.90
C LEU B 83 0.84 -15.04 5.88
N GLU B 84 2.13 -15.37 5.81
CA GLU B 84 3.15 -14.71 6.64
C GLU B 84 3.14 -13.19 6.41
N CYS B 85 3.14 -12.78 5.14
CA CYS B 85 3.17 -11.36 4.81
C CYS B 85 1.85 -10.64 5.03
N ALA B 86 0.74 -11.37 4.96
CA ALA B 86 -0.59 -10.76 4.83
C ALA B 86 -1.49 -10.82 6.08
N TRP B 87 -1.13 -11.63 7.05
CA TRP B 87 -2.06 -11.96 8.15
C TRP B 87 -2.62 -10.75 8.93
N LEU B 88 -1.78 -9.76 9.23
CA LEU B 88 -2.23 -8.60 9.99
C LEU B 88 -3.10 -7.66 9.14
N GLU B 89 -2.72 -7.47 7.87
CA GLU B 89 -3.57 -6.72 6.93
C GLU B 89 -4.97 -7.32 6.87
N ILE B 90 -5.01 -8.64 6.74
CA ILE B 90 -6.28 -9.39 6.71
C ILE B 90 -7.09 -9.19 8.00
N LEU B 91 -6.43 -9.21 9.16
CA LEU B 91 -7.10 -8.93 10.43
C LEU B 91 -7.62 -7.49 10.41
N MET B 92 -6.80 -6.57 9.92
CA MET B 92 -7.16 -5.16 9.90
C MET B 92 -8.36 -4.86 9.01
N ILE B 93 -8.33 -5.36 7.77
CA ILE B 93 -9.46 -5.13 6.87
C ILE B 93 -10.75 -5.71 7.45
N GLY B 94 -10.67 -6.82 8.17
CA GLY B 94 -11.85 -7.42 8.81
C GLY B 94 -12.42 -6.53 9.91
N LEU B 95 -11.53 -6.02 10.75
CA LEU B 95 -11.88 -5.08 11.81
C LEU B 95 -12.51 -3.82 11.25
N VAL B 96 -11.94 -3.30 10.16
CA VAL B 96 -12.46 -2.10 9.53
C VAL B 96 -13.86 -2.34 8.95
N TRP B 97 -14.05 -3.50 8.33
CA TRP B 97 -15.34 -3.82 7.72
C TRP B 97 -16.41 -3.88 8.79
N ARG B 98 -16.17 -4.66 9.84
CA ARG B 98 -17.19 -4.83 10.89
C ARG B 98 -17.27 -3.65 11.87
N SER B 99 -16.44 -2.64 11.67
CA SER B 99 -16.50 -1.38 12.42
C SER B 99 -17.27 -0.29 11.67
N MET B 100 -17.54 -0.51 10.39
CA MET B 100 -18.23 0.48 9.55
C MET B 100 -19.48 1.08 10.19
N GLU B 101 -20.42 0.23 10.57
CA GLU B 101 -21.70 0.66 11.13
C GLU B 101 -21.59 1.29 12.53
N HIS B 102 -20.38 1.39 13.09
CA HIS B 102 -20.16 1.98 14.42
C HIS B 102 -19.15 3.11 14.36
N PRO B 103 -19.57 4.29 13.87
CA PRO B 103 -18.65 5.42 13.71
C PRO B 103 -17.87 5.77 14.98
N GLY B 104 -16.56 5.98 14.84
CA GLY B 104 -15.70 6.40 15.95
C GLY B 104 -15.36 5.28 16.92
N LYS B 105 -15.59 4.03 16.50
CA LYS B 105 -15.39 2.87 17.36
C LYS B 105 -14.87 1.68 16.55
N LEU B 106 -14.05 0.85 17.17
CA LEU B 106 -13.52 -0.32 16.49
C LEU B 106 -14.11 -1.58 17.09
N LEU B 107 -14.93 -2.28 16.30
CA LEU B 107 -15.51 -3.54 16.72
C LEU B 107 -14.50 -4.68 16.53
N PHE B 108 -13.69 -4.92 17.54
CA PHE B 108 -12.75 -6.04 17.50
C PHE B 108 -13.51 -7.36 17.62
N ALA B 109 -14.50 -7.37 18.51
CA ALA B 109 -15.44 -8.47 18.60
C ALA B 109 -16.77 -7.90 19.10
N PRO B 110 -17.88 -8.64 18.92
CA PRO B 110 -19.16 -8.08 19.38
C PRO B 110 -19.22 -7.76 20.88
N ASN B 111 -18.40 -8.44 21.67
CA ASN B 111 -18.27 -8.14 23.11
C ASN B 111 -17.01 -7.31 23.41
N LEU B 112 -16.46 -6.62 22.41
CA LEU B 112 -15.26 -5.79 22.59
C LEU B 112 -15.21 -4.63 21.59
N LEU B 113 -15.98 -3.60 21.89
CA LEU B 113 -16.06 -2.39 21.07
C LEU B 113 -15.28 -1.29 21.79
N LEU B 114 -14.24 -0.78 21.12
CA LEU B 114 -13.36 0.24 21.71
C LEU B 114 -13.43 1.55 20.94
N ASP B 115 -13.23 2.65 21.66
CA ASP B 115 -13.11 3.99 21.05
C ASP B 115 -11.67 4.48 21.21
N ARG B 116 -11.37 5.63 20.62
CA ARG B 116 -10.02 6.21 20.69
C ARG B 116 -9.51 6.36 22.14
N ASN B 117 -10.37 6.80 23.05
CA ASN B 117 -9.98 7.02 24.44
C ASN B 117 -9.37 5.77 25.07
N GLN B 118 -10.10 4.66 24.96
CA GLN B 118 -9.67 3.37 25.51
C GLN B 118 -8.44 2.84 24.77
N GLY B 119 -8.27 3.28 23.52
CA GLY B 119 -7.04 3.03 22.78
C GLY B 119 -5.85 3.69 23.47
N LYS B 120 -6.06 4.92 23.96
CA LYS B 120 -5.02 5.69 24.63
C LYS B 120 -4.39 4.98 25.83
N CYS B 121 -5.06 3.97 26.37
CA CYS B 121 -4.55 3.23 27.54
C CYS B 121 -3.25 2.45 27.27
N VAL B 122 -3.07 1.96 26.03
CA VAL B 122 -1.82 1.31 25.62
C VAL B 122 -0.94 2.30 24.86
N GLU B 123 0.33 2.40 25.27
CA GLU B 123 1.24 3.46 24.80
C GLU B 123 1.08 3.87 23.33
N GLY B 124 1.56 3.04 22.39
CA GLY B 124 1.59 3.43 20.97
C GLY B 124 0.43 2.92 20.14
N MET B 125 -0.76 2.84 20.72
CA MET B 125 -1.92 2.21 20.09
C MET B 125 -2.84 3.21 19.37
N VAL B 126 -2.95 4.43 19.91
CA VAL B 126 -3.94 5.40 19.41
C VAL B 126 -3.62 5.87 17.99
N GLU B 127 -2.33 5.92 17.63
CA GLU B 127 -1.91 6.17 16.25
C GLU B 127 -2.61 5.20 15.30
N ILE B 128 -2.56 3.92 15.66
CA ILE B 128 -3.09 2.87 14.79
C ILE B 128 -4.62 2.86 14.81
N PHE B 129 -5.22 3.11 15.98
CA PHE B 129 -6.68 3.28 16.10
C PHE B 129 -7.21 4.38 15.19
N ASP B 130 -6.59 5.56 15.27
CA ASP B 130 -7.01 6.69 14.42
C ASP B 130 -6.95 6.34 12.94
N MET B 131 -5.86 5.68 12.53
CA MET B 131 -5.72 5.22 11.16
C MET B 131 -6.84 4.23 10.79
N LEU B 132 -7.10 3.27 11.68
CA LEU B 132 -8.14 2.26 11.44
C LEU B 132 -9.53 2.89 11.38
N LEU B 133 -9.80 3.82 12.29
CA LEU B 133 -11.06 4.57 12.28
C LEU B 133 -11.31 5.29 10.96
N ALA B 134 -10.27 5.94 10.43
CA ALA B 134 -10.38 6.70 9.18
C ALA B 134 -10.60 5.77 7.99
N THR B 135 -9.94 4.63 8.01
CA THR B 135 -10.18 3.64 6.97
C THR B 135 -11.64 3.21 7.01
N SER B 136 -12.15 2.95 8.21
CA SER B 136 -13.54 2.56 8.39
C SER B 136 -14.50 3.66 7.93
N SER B 137 -14.16 4.90 8.23
CA SER B 137 -14.96 6.04 7.78
C SER B 137 -14.98 6.13 6.25
N ARG B 138 -13.82 5.87 5.64
CA ARG B 138 -13.69 5.91 4.18
C ARG B 138 -14.54 4.84 3.49
N PHE B 139 -14.47 3.60 3.98
CA PHE B 139 -15.32 2.52 3.47
C PHE B 139 -16.79 2.85 3.59
N ARG B 140 -17.15 3.50 4.69
CA ARG B 140 -18.54 3.88 4.95
C ARG B 140 -19.01 4.94 3.95
N MET B 141 -18.14 5.90 3.63
CA MET B 141 -18.50 6.94 2.66
C MET B 141 -18.52 6.44 1.23
N MET B 142 -17.82 5.35 0.95
CA MET B 142 -17.86 4.72 -0.37
C MET B 142 -18.99 3.71 -0.51
N ASN B 143 -19.64 3.40 0.61
CA ASN B 143 -20.66 2.36 0.66
C ASN B 143 -20.13 1.03 0.14
N LEU B 144 -18.93 0.66 0.62
CA LEU B 144 -18.31 -0.62 0.30
C LEU B 144 -19.29 -1.75 0.55
N GLN B 145 -19.44 -2.63 -0.44
CA GLN B 145 -20.31 -3.79 -0.31
C GLN B 145 -19.53 -4.98 0.22
N GLY B 146 -20.24 -5.95 0.79
CA GLY B 146 -19.62 -7.20 1.22
C GLY B 146 -18.97 -7.96 0.08
N GLU B 147 -19.62 -7.92 -1.09
CA GLU B 147 -19.07 -8.56 -2.29
C GLU B 147 -17.71 -7.96 -2.67
N GLU B 148 -17.61 -6.64 -2.55
CA GLU B 148 -16.35 -5.93 -2.82
C GLU B 148 -15.30 -6.22 -1.75
N PHE B 149 -15.74 -6.22 -0.50
CA PHE B 149 -14.89 -6.50 0.66
C PHE B 149 -14.15 -7.82 0.55
N VAL B 150 -14.88 -8.88 0.23
CA VAL B 150 -14.27 -10.22 0.13
C VAL B 150 -13.26 -10.26 -1.03
N CYS B 151 -13.51 -9.50 -2.09
CA CYS B 151 -12.56 -9.37 -3.20
C CYS B 151 -11.28 -8.68 -2.77
N LEU B 152 -11.41 -7.58 -2.03
CA LEU B 152 -10.24 -6.85 -1.54
C LEU B 152 -9.41 -7.72 -0.58
N LYS B 153 -10.09 -8.46 0.29
CA LYS B 153 -9.42 -9.29 1.30
C LYS B 153 -8.59 -10.39 0.64
N SER B 154 -9.11 -10.95 -0.45
CA SER B 154 -8.40 -11.97 -1.21
C SER B 154 -7.24 -11.41 -2.02
N ILE B 155 -7.35 -10.15 -2.44
CA ILE B 155 -6.25 -9.48 -3.13
C ILE B 155 -5.06 -9.28 -2.17
N ILE B 156 -5.34 -8.88 -0.94
CA ILE B 156 -4.30 -8.76 0.11
C ILE B 156 -3.57 -10.08 0.31
N LEU B 157 -4.33 -11.15 0.42
CA LEU B 157 -3.78 -12.48 0.60
C LEU B 157 -2.81 -12.83 -0.54
N LEU B 158 -3.26 -12.64 -1.78
CA LEU B 158 -2.47 -13.02 -2.95
C LEU B 158 -1.35 -12.03 -3.30
N ASN B 159 -1.56 -10.74 -3.03
CA ASN B 159 -0.60 -9.71 -3.47
C ASN B 159 0.54 -9.35 -2.51
N SER B 160 0.34 -9.49 -1.20
CA SER B 160 1.24 -8.86 -0.23
C SER B 160 2.62 -9.51 -0.15
N GLY B 161 2.69 -10.80 -0.40
CA GLY B 161 3.95 -11.53 -0.43
C GLY B 161 4.45 -11.91 -1.82
N VAL B 162 3.72 -11.50 -2.85
CA VAL B 162 4.04 -11.89 -4.23
C VAL B 162 5.43 -11.42 -4.71
N TYR B 163 5.95 -10.31 -4.18
CA TYR B 163 7.27 -9.79 -4.59
C TYR B 163 8.45 -10.23 -3.72
N THR B 164 8.14 -10.81 -2.56
CA THR B 164 9.17 -11.21 -1.60
C THR B 164 9.45 -12.72 -1.58
N PHE B 165 9.07 -13.43 -2.65
CA PHE B 165 9.44 -14.85 -2.79
C PHE B 165 10.96 -14.97 -2.95
N SER B 168 15.05 -17.83 -8.38
CA SER B 168 14.60 -17.80 -9.76
C SER B 168 14.56 -19.22 -10.35
N THR B 169 13.72 -20.06 -9.76
CA THR B 169 13.41 -21.39 -10.31
C THR B 169 12.30 -21.24 -11.34
N LEU B 170 12.22 -22.19 -12.28
CA LEU B 170 11.14 -22.20 -13.27
C LEU B 170 9.78 -22.25 -12.58
N LYS B 171 9.70 -23.04 -11.51
CA LYS B 171 8.47 -23.15 -10.71
C LYS B 171 8.10 -21.82 -10.05
N SER B 172 9.10 -21.07 -9.58
CA SER B 172 8.88 -19.76 -8.97
C SER B 172 8.17 -18.81 -9.92
N LEU B 173 8.69 -18.69 -11.14
CA LEU B 173 8.09 -17.84 -12.18
C LEU B 173 6.65 -18.26 -12.45
N GLU B 174 6.47 -19.57 -12.67
CA GLU B 174 5.15 -20.16 -12.88
C GLU B 174 4.21 -19.89 -11.71
N GLU B 175 4.72 -19.97 -10.48
CA GLU B 175 3.92 -19.67 -9.28
C GLU B 175 3.51 -18.20 -9.22
N LYS B 176 4.46 -17.28 -9.50
CA LYS B 176 4.14 -15.85 -9.57
C LYS B 176 3.09 -15.62 -10.64
N ASP B 177 3.34 -16.18 -11.81
CA ASP B 177 2.45 -16.07 -12.95
C ASP B 177 1.02 -16.46 -12.57
N HIS B 178 0.87 -17.59 -11.90
CA HIS B 178 -0.44 -18.07 -11.49
C HIS B 178 -1.14 -17.09 -10.53
N ILE B 179 -0.41 -16.62 -9.52
CA ILE B 179 -0.93 -15.61 -8.56
C ILE B 179 -1.49 -14.39 -9.28
N HIS B 180 -0.76 -13.92 -10.29
CA HIS B 180 -1.16 -12.74 -11.07
C HIS B 180 -2.37 -13.02 -11.97
N ARG B 181 -2.52 -14.23 -12.46
CA ARG B 181 -3.69 -14.56 -13.26
C ARG B 181 -4.96 -14.58 -12.40
N VAL B 182 -4.83 -15.00 -11.15
CA VAL B 182 -5.95 -15.01 -10.23
C VAL B 182 -6.30 -13.59 -9.82
N LEU B 183 -5.29 -12.78 -9.48
CA LEU B 183 -5.48 -11.35 -9.18
C LEU B 183 -6.21 -10.64 -10.30
N ASP B 184 -5.80 -10.89 -11.53
CA ASP B 184 -6.51 -10.41 -12.71
C ASP B 184 -7.97 -10.89 -12.71
N LYS B 185 -8.19 -12.10 -12.21
CA LYS B 185 -9.53 -12.68 -12.18
C LYS B 185 -10.40 -11.92 -11.17
N ILE B 186 -9.84 -11.66 -9.98
CA ILE B 186 -10.55 -10.90 -8.94
C ILE B 186 -10.76 -9.44 -9.36
N THR B 187 -9.82 -8.88 -10.13
CA THR B 187 -10.01 -7.55 -10.69
C THR B 187 -11.25 -7.53 -11.57
N ASP B 188 -11.34 -8.49 -12.50
CA ASP B 188 -12.54 -8.67 -13.34
C ASP B 188 -13.81 -8.79 -12.50
N THR B 189 -13.74 -9.54 -11.41
CA THR B 189 -14.90 -9.74 -10.55
C THR B 189 -15.37 -8.43 -9.93
N LEU B 190 -14.41 -7.60 -9.50
CA LEU B 190 -14.71 -6.29 -8.94
C LEU B 190 -15.40 -5.40 -9.97
N ILE B 191 -14.85 -5.34 -11.18
CA ILE B 191 -15.45 -4.54 -12.27
C ILE B 191 -16.86 -5.02 -12.58
N HIS B 192 -17.05 -6.34 -12.63
CA HIS B 192 -18.37 -6.93 -12.82
C HIS B 192 -19.37 -6.43 -11.78
N LEU B 193 -19.02 -6.53 -10.50
CA LEU B 193 -19.90 -6.08 -9.40
C LEU B 193 -20.25 -4.60 -9.50
N MET B 194 -19.31 -3.78 -9.95
CA MET B 194 -19.58 -2.36 -10.17
C MET B 194 -20.50 -2.13 -11.38
N ALA B 195 -20.38 -2.98 -12.39
CA ALA B 195 -21.28 -2.93 -13.55
C ALA B 195 -22.72 -3.22 -13.10
N LYS B 196 -22.90 -4.29 -12.34
CA LYS B 196 -24.22 -4.65 -11.82
C LYS B 196 -24.82 -3.58 -10.89
N ALA B 197 -23.97 -2.83 -10.18
CA ALA B 197 -24.44 -1.73 -9.33
C ALA B 197 -24.92 -0.51 -10.13
N GLY B 198 -24.68 -0.49 -11.44
CA GLY B 198 -25.14 0.59 -12.31
C GLY B 198 -24.11 1.67 -12.57
N LEU B 199 -22.88 1.46 -12.12
CA LEU B 199 -21.82 2.44 -12.34
C LEU B 199 -21.41 2.48 -13.80
N THR B 200 -21.10 3.69 -14.30
CA THR B 200 -20.59 3.84 -15.64
C THR B 200 -19.18 3.23 -15.72
N LEU B 201 -18.66 3.09 -16.94
CA LEU B 201 -17.31 2.55 -17.17
C LEU B 201 -16.27 3.42 -16.51
N GLN B 202 -16.42 4.74 -16.64
CA GLN B 202 -15.54 5.70 -15.98
C GLN B 202 -15.60 5.51 -14.47
N GLN B 203 -16.82 5.51 -13.94
CA GLN B 203 -17.04 5.33 -12.50
C GLN B 203 -16.51 3.99 -11.98
N GLN B 204 -16.49 2.97 -12.83
CA GLN B 204 -15.97 1.66 -12.45
C GLN B 204 -14.48 1.72 -12.18
N HIS B 205 -13.73 2.23 -13.14
CA HIS B 205 -12.27 2.24 -13.00
C HIS B 205 -11.79 3.23 -11.93
N GLN B 206 -12.52 4.33 -11.74
CA GLN B 206 -12.27 5.24 -10.62
C GLN B 206 -12.42 4.55 -9.28
N ARG B 207 -13.51 3.79 -9.11
CA ARG B 207 -13.80 3.11 -7.86
C ARG B 207 -12.81 1.98 -7.58
N LEU B 208 -12.47 1.20 -8.60
CA LEU B 208 -11.43 0.19 -8.50
C LEU B 208 -10.16 0.83 -7.97
N ALA B 209 -9.75 1.92 -8.61
CA ALA B 209 -8.57 2.69 -8.20
C ALA B 209 -8.64 3.12 -6.74
N GLN B 210 -9.72 3.81 -6.39
CA GLN B 210 -9.94 4.28 -5.03
C GLN B 210 -9.82 3.12 -4.03
N LEU B 211 -10.48 2.01 -4.34
CA LEU B 211 -10.42 0.83 -3.47
C LEU B 211 -9.01 0.25 -3.35
N LEU B 212 -8.30 0.17 -4.47
CA LEU B 212 -6.95 -0.39 -4.45
C LEU B 212 -5.93 0.54 -3.78
N LEU B 213 -6.14 1.85 -3.88
CA LEU B 213 -5.31 2.81 -3.18
C LEU B 213 -5.46 2.69 -1.66
N ILE B 214 -6.63 2.30 -1.19
CA ILE B 214 -6.85 2.05 0.25
C ILE B 214 -6.04 0.84 0.73
N LEU B 215 -5.83 -0.12 -0.16
CA LEU B 215 -4.98 -1.26 0.19
C LEU B 215 -3.58 -0.82 0.58
N SER B 216 -3.08 0.26 -0.03
CA SER B 216 -1.74 0.75 0.31
C SER B 216 -1.71 1.35 1.72
N HIS B 217 -2.80 2.00 2.12
CA HIS B 217 -2.97 2.48 3.49
C HIS B 217 -3.11 1.35 4.50
N ILE B 218 -3.76 0.26 4.11
CA ILE B 218 -3.83 -0.92 4.98
C ILE B 218 -2.46 -1.55 5.19
N ARG B 219 -1.66 -1.59 4.12
CA ARG B 219 -0.29 -2.07 4.23
C ARG B 219 0.49 -1.21 5.22
N HIS B 220 0.38 0.11 5.06
CA HIS B 220 1.02 1.04 5.97
C HIS B 220 0.68 0.79 7.44
N MET B 221 -0.62 0.61 7.71
CA MET B 221 -1.09 0.36 9.08
C MET B 221 -0.51 -0.95 9.60
N SER B 222 -0.52 -1.97 8.74
CA SER B 222 0.11 -3.27 9.04
C SER B 222 1.58 -3.12 9.41
N ASN B 223 2.32 -2.35 8.63
CA ASN B 223 3.73 -2.11 8.94
C ASN B 223 3.91 -1.43 10.32
N LYS B 224 3.04 -0.49 10.66
CA LYS B 224 3.18 0.22 11.95
C LYS B 224 2.72 -0.66 13.12
N GLY B 225 1.70 -1.47 12.89
CA GLY B 225 1.27 -2.48 13.86
C GLY B 225 2.38 -3.45 14.22
N MET B 226 3.13 -3.91 13.21
CA MET B 226 4.28 -4.78 13.40
C MET B 226 5.40 -4.10 14.20
N GLU B 227 5.66 -2.83 13.93
CA GLU B 227 6.65 -2.08 14.70
C GLU B 227 6.21 -2.01 16.15
N HIS B 228 4.92 -1.75 16.35
CA HIS B 228 4.34 -1.60 17.68
C HIS B 228 4.34 -2.91 18.46
N LEU B 229 4.17 -4.04 17.76
CA LEU B 229 4.16 -5.35 18.40
C LEU B 229 5.55 -5.82 18.79
N TYR B 230 6.55 -5.55 17.93
CA TYR B 230 7.94 -5.93 18.23
C TYR B 230 8.62 -4.97 19.18
N SER B 231 8.04 -3.79 19.39
CA SER B 231 8.53 -2.90 20.45
C SER B 231 8.14 -3.46 21.83
N MET B 232 7.11 -4.31 21.86
CA MET B 232 6.65 -4.97 23.08
C MET B 232 7.39 -6.28 23.37
N LYS B 233 7.22 -7.28 22.50
CA LYS B 233 7.77 -8.63 22.72
C LYS B 233 9.04 -8.91 21.88
N CYS B 234 10.14 -9.18 22.56
CA CYS B 234 11.42 -9.58 21.94
C CYS B 234 12.20 -10.52 22.86
N ASN B 236 10.36 -13.53 18.46
CA ASN B 236 10.25 -14.98 18.61
C ASN B 236 11.42 -15.68 17.91
N VAL B 237 12.15 -16.50 18.67
CA VAL B 237 13.23 -17.33 18.10
C VAL B 237 12.67 -18.25 17.03
N VAL B 238 11.51 -18.84 17.32
CA VAL B 238 10.76 -19.66 16.36
C VAL B 238 10.15 -18.78 15.28
N PRO B 239 10.64 -18.90 14.02
CA PRO B 239 10.13 -18.02 12.98
C PRO B 239 8.66 -18.28 12.65
N LEU B 240 8.01 -17.25 12.14
CA LEU B 240 6.58 -17.26 11.87
C LEU B 240 6.20 -18.27 10.77
N TYR B 241 7.15 -18.55 9.89
CA TYR B 241 6.98 -19.54 8.83
C TYR B 241 6.78 -20.92 9.46
N ASP B 242 7.67 -21.28 10.36
CA ASP B 242 7.54 -22.52 11.11
C ASP B 242 6.23 -22.63 11.87
N LEU B 243 5.82 -21.55 12.52
CA LEU B 243 4.58 -21.56 13.30
C LEU B 243 3.37 -21.74 12.39
N LEU B 244 3.36 -21.08 11.24
CA LEU B 244 2.25 -21.22 10.30
C LEU B 244 2.14 -22.66 9.75
N LEU B 245 3.29 -23.30 9.51
CA LEU B 245 3.32 -24.73 9.15
C LEU B 245 2.79 -25.61 10.27
N GLU B 246 3.35 -25.44 11.48
CA GLU B 246 2.91 -26.19 12.67
C GLU B 246 1.41 -26.08 12.96
N MET B 247 0.83 -24.90 12.72
CA MET B 247 -0.62 -24.69 12.89
C MET B 247 -1.42 -25.60 11.98
N LEU B 248 -0.99 -25.67 10.71
CA LEU B 248 -1.59 -26.60 9.75
C LEU B 248 -1.53 -28.06 10.23
N ASP B 249 -0.54 -28.41 11.05
CA ASP B 249 -0.50 -29.72 11.70
C ASP B 249 -1.34 -29.79 12.98
N ALA B 250 -1.31 -28.73 13.77
CA ALA B 250 -2.06 -28.66 15.03
C ALA B 250 -3.58 -28.81 14.84
N HIS B 251 -4.17 -28.07 13.88
CA HIS B 251 -5.63 -28.07 13.70
C HIS B 251 -6.16 -28.40 12.29
N ARG B 252 -5.61 -29.42 11.64
CA ARG B 252 -6.04 -29.79 10.30
C ARG B 252 -5.76 -31.26 10.00
C10 369 C . 18.42 6.06 -0.94
C12 369 C . 17.89 8.23 0.78
C13 369 C . 17.67 9.19 1.74
C15 369 C . 19.79 8.74 2.73
C19 369 C . 19.52 3.71 0.60
C21 369 C . 19.29 2.72 2.74
C22 369 C . 17.99 3.18 2.76
C23 369 C . 17.44 3.90 1.72
C1 369 C . 16.07 3.15 -1.03
C2 369 C . 16.79 4.40 -1.37
C3 369 C . 16.44 5.07 -2.52
C4 369 C . 17.09 6.22 -2.90
C5 369 C . 16.74 6.86 -4.06
C6 369 C . 17.39 8.02 -4.43
O1 369 C . 17.02 8.65 -5.59
C7 369 C . 18.39 8.54 -3.64
C8 369 C . 18.73 7.90 -2.49
C9 369 C . 18.10 6.73 -2.10
O2 369 C . 19.42 6.53 -0.11
C11 369 C . 19.08 7.52 0.81
C14 369 C . 18.61 9.45 2.70
O3 369 C . 18.37 10.43 3.65
C16 369 C . 20.02 7.78 1.78
C17 369 C . 17.79 4.90 -0.56
C18 369 C . 18.23 4.17 0.62
C20 369 C . 20.06 2.99 1.64
O4 369 C . 17.25 2.89 3.88
C10 369 D . -5.06 -6.39 16.98
C12 369 D . -3.18 -8.43 16.81
C13 369 D . -2.18 -9.38 16.73
C15 369 D . -1.69 -9.04 19.05
C19 369 D . -3.89 -3.68 18.08
C21 369 D . -1.65 -2.94 18.34
C22 369 D . -1.30 -3.75 17.30
C23 369 D . -2.21 -4.54 16.63
C1 369 D . -4.64 -3.47 14.61
C2 369 D . -5.13 -4.73 15.26
C3 369 D . -6.18 -5.41 14.68
C4 369 D . -6.66 -6.56 15.25
C5 369 D . -7.71 -7.19 14.63
C6 369 D . -8.21 -8.34 15.17
O1 369 D . -9.24 -8.95 14.53
C7 369 D . -7.68 -8.87 16.33
C8 369 D . -6.62 -8.22 16.95
C9 369 D . -6.12 -7.07 16.40
O2 369 D . -4.45 -6.85 18.14
C11 369 D . -3.44 -7.80 18.00
C14 369 D . -1.44 -9.68 17.85
O3 369 D . -0.44 -10.63 17.75
C16 369 D . -2.70 -8.11 19.12
C17 369 D . -4.57 -5.23 16.42
C18 369 D . -3.52 -4.49 17.03
C20 369 D . -2.97 -2.91 18.74
O4 369 D . 0.01 -3.77 16.92
#